data_1PG0
#
_entry.id   1PG0
#
_cell.length_a   78.041
_cell.length_b   45.574
_cell.length_c   87.280
_cell.angle_alpha   90.00
_cell.angle_beta   108.37
_cell.angle_gamma   90.00
#
_symmetry.space_group_name_H-M   'P 1 21 1'
#
loop_
_entity.id
_entity.type
_entity.pdbx_description
1 polymer 'Methionyl-tRNA synthetase'
2 non-polymer 'L-METHIONYL ADENYLATE'
3 water water
#
_entity_poly.entity_id   1
_entity_poly.type   'polypeptide(L)'
_entity_poly.pdbx_seq_one_letter_code
;TQVAKKILVTCALPYANGSIHLGHMLEHIQADVWVRYQRMRGHEVNFICADDAHGTPIMLKAQQLGITPEQMIGEMSQEH
QTDFAGFNISYDNYHSTHSEENRQLSELIYSRLKENGFIKNRTISQLYDPEKGMFLPDRFVKGTCPKCKSPDQYGDNCEV
CGATYSPTELIEPKSVVSGATPVMRDSEHFFFDLPSFSEMLQAWTRSGALQEQVANKMQEWFESGLQQWDISRDAPYFGF
EIPNAPGKYFYVWLDAPIGYMGSFKNLCDKRGDSVSFDEYWKKDSTAELYHFIGKDIVYFHSLFWPAMLEGSNFRKPSNL
FVHGYVTVNGAKMSKSRGTFIKASTWLNHFDADSLRYYYTAKLSSRIDDIDLNLEDFVQRVNADIVNKVVNLASRNAGFI
NKRFDGVLASELADPQLYKTFTDAAEVIGEAWESREFGKAVREIMALADLANRYVDEQAPWVVAKQEGRDADLQAICSMG
INLFRVLMTYLKPVLPKLTERAEAFLNTELTWDGIQQPLLGHKVNPFKALYNRIDMRQVEALVEASKEEVK
;
_entity_poly.pdbx_strand_id   A
#
# COMPACT_ATOMS: atom_id res chain seq x y z
N ALA A 4 18.57 5.88 9.64
CA ALA A 4 17.15 6.23 9.98
C ALA A 4 16.68 7.38 9.11
N LYS A 5 16.13 7.04 7.95
CA LYS A 5 15.63 8.02 7.00
C LYS A 5 14.28 8.58 7.42
N LYS A 6 13.89 9.67 6.79
CA LYS A 6 12.58 10.28 7.05
C LYS A 6 11.88 10.03 5.73
N ILE A 7 10.77 9.31 5.78
CA ILE A 7 10.05 8.98 4.56
C ILE A 7 8.57 9.33 4.63
N LEU A 8 8.06 9.91 3.54
CA LEU A 8 6.65 10.28 3.43
C LEU A 8 6.15 9.48 2.23
N VAL A 9 5.19 8.60 2.47
CA VAL A 9 4.63 7.77 1.40
C VAL A 9 3.14 8.00 1.26
N THR A 10 2.66 8.05 0.02
CA THR A 10 1.23 8.25 -0.19
C THR A 10 0.68 7.25 -1.19
N CYS A 11 -0.65 7.15 -1.21
CA CYS A 11 -1.37 6.34 -2.18
C CYS A 11 -2.23 7.41 -2.86
N ALA A 12 -2.63 7.18 -4.09
CA ALA A 12 -3.47 8.18 -4.76
C ALA A 12 -4.73 8.39 -3.91
N LEU A 13 -5.31 9.57 -4.01
CA LEU A 13 -6.51 9.90 -3.24
C LEU A 13 -7.74 9.41 -3.98
N PRO A 14 -8.44 8.40 -3.43
CA PRO A 14 -9.65 7.84 -4.06
C PRO A 14 -10.74 8.88 -4.26
N TYR A 15 -11.42 8.82 -5.41
CA TYR A 15 -12.50 9.77 -5.64
C TYR A 15 -13.63 9.43 -4.67
N ALA A 16 -14.25 10.47 -4.13
CA ALA A 16 -15.34 10.31 -3.16
C ALA A 16 -16.69 10.03 -3.83
N ASN A 17 -16.66 9.37 -4.98
CA ASN A 17 -17.90 9.07 -5.70
C ASN A 17 -18.12 7.59 -5.97
N GLY A 18 -17.44 6.72 -5.20
CA GLY A 18 -17.61 5.30 -5.41
C GLY A 18 -16.98 4.49 -4.31
N SER A 19 -17.40 3.23 -4.17
CA SER A 19 -16.87 2.36 -3.14
C SER A 19 -15.49 1.85 -3.53
N ILE A 20 -14.71 1.47 -2.53
CA ILE A 20 -13.37 0.94 -2.79
C ILE A 20 -13.55 -0.49 -3.31
N HIS A 21 -12.81 -0.84 -4.37
CA HIS A 21 -12.88 -2.19 -4.93
C HIS A 21 -11.51 -2.87 -4.90
N LEU A 22 -11.43 -4.11 -5.36
CA LEU A 22 -10.15 -4.83 -5.31
C LEU A 22 -9.04 -4.18 -6.13
N GLY A 23 -9.42 -3.35 -7.09
CA GLY A 23 -8.44 -2.65 -7.90
C GLY A 23 -7.72 -1.64 -7.02
N HIS A 24 -8.51 -0.88 -6.25
CA HIS A 24 -7.95 0.09 -5.32
C HIS A 24 -7.07 -0.61 -4.30
N MET A 25 -7.50 -1.78 -3.86
CA MET A 25 -6.77 -2.50 -2.83
C MET A 25 -5.38 -2.96 -3.22
N LEU A 26 -5.16 -3.22 -4.50
CA LEU A 26 -3.82 -3.62 -4.95
C LEU A 26 -2.85 -2.49 -4.57
N GLU A 27 -3.24 -1.27 -4.91
CA GLU A 27 -2.43 -0.10 -4.63
C GLU A 27 -2.12 0.10 -3.14
N HIS A 28 -3.18 0.06 -2.32
CA HIS A 28 -3.03 0.27 -0.89
C HIS A 28 -2.26 -0.85 -0.21
N ILE A 29 -2.47 -2.08 -0.68
CA ILE A 29 -1.78 -3.22 -0.12
C ILE A 29 -0.30 -3.16 -0.51
N GLN A 30 -0.01 -2.82 -1.77
CA GLN A 30 1.40 -2.74 -2.19
C GLN A 30 2.12 -1.69 -1.36
N ALA A 31 1.48 -0.53 -1.19
CA ALA A 31 2.06 0.55 -0.40
C ALA A 31 2.22 0.15 1.06
N ASP A 32 1.19 -0.47 1.64
CA ASP A 32 1.26 -0.84 3.04
C ASP A 32 2.38 -1.85 3.34
N VAL A 33 2.59 -2.80 2.44
CA VAL A 33 3.64 -3.79 2.65
C VAL A 33 4.99 -3.08 2.64
N TRP A 34 5.20 -2.19 1.69
CA TRP A 34 6.46 -1.46 1.60
C TRP A 34 6.64 -0.60 2.87
N VAL A 35 5.59 0.11 3.26
CA VAL A 35 5.60 0.96 4.44
C VAL A 35 5.92 0.17 5.71
N ARG A 36 5.25 -0.96 5.90
CA ARG A 36 5.50 -1.79 7.07
C ARG A 36 6.95 -2.28 7.08
N TYR A 37 7.48 -2.60 5.90
CA TYR A 37 8.87 -3.06 5.85
C TYR A 37 9.79 -1.93 6.29
N GLN A 38 9.56 -0.72 5.77
CA GLN A 38 10.40 0.42 6.13
C GLN A 38 10.39 0.71 7.63
N ARG A 39 9.22 0.58 8.27
CA ARG A 39 9.14 0.80 9.72
C ARG A 39 9.93 -0.29 10.46
N MET A 40 9.87 -1.52 9.95
CA MET A 40 10.60 -2.62 10.58
C MET A 40 12.10 -2.37 10.56
N ARG A 41 12.56 -1.63 9.55
CA ARG A 41 13.99 -1.32 9.45
C ARG A 41 14.39 -0.08 10.26
N GLY A 42 13.44 0.45 11.04
CA GLY A 42 13.73 1.60 11.89
C GLY A 42 13.61 3.02 11.38
N HIS A 43 13.14 3.19 10.15
CA HIS A 43 13.01 4.52 9.60
C HIS A 43 11.77 5.25 10.10
N GLU A 44 11.79 6.58 9.99
CA GLU A 44 10.66 7.41 10.39
C GLU A 44 9.77 7.41 9.16
N VAL A 45 8.59 6.82 9.27
CA VAL A 45 7.71 6.75 8.12
C VAL A 45 6.36 7.43 8.34
N ASN A 46 5.92 8.18 7.34
CA ASN A 46 4.63 8.86 7.39
C ASN A 46 3.85 8.40 6.17
N PHE A 47 2.84 7.55 6.41
CA PHE A 47 1.99 6.98 5.36
C PHE A 47 0.70 7.79 5.37
N ILE A 48 0.49 8.54 4.29
CA ILE A 48 -0.64 9.43 4.18
C ILE A 48 -1.57 9.24 2.96
N CYS A 49 -2.85 9.53 3.17
CA CYS A 49 -3.83 9.45 2.09
C CYS A 49 -5.02 10.34 2.45
N ALA A 50 -6.04 10.32 1.60
CA ALA A 50 -7.22 11.14 1.82
C ALA A 50 -8.15 10.94 0.63
N ASP A 51 -9.42 11.29 0.81
CA ASP A 51 -10.38 11.18 -0.27
C ASP A 51 -10.27 12.42 -1.17
N ASP A 52 -10.43 12.22 -2.47
CA ASP A 52 -10.40 13.30 -3.48
C ASP A 52 -11.87 13.70 -3.55
N ALA A 53 -12.23 14.78 -2.87
CA ALA A 53 -13.64 15.18 -2.78
C ALA A 53 -14.22 16.28 -3.66
N HIS A 54 -13.46 16.80 -4.62
CA HIS A 54 -13.99 17.89 -5.45
C HIS A 54 -14.35 17.48 -6.86
N GLY A 55 -14.92 18.42 -7.62
CA GLY A 55 -15.30 18.13 -9.00
C GLY A 55 -16.78 18.14 -9.30
N THR A 56 -17.13 18.62 -10.50
CA THR A 56 -18.51 18.69 -10.95
C THR A 56 -19.27 17.37 -10.78
N PRO A 57 -18.68 16.25 -11.20
CA PRO A 57 -19.35 14.95 -11.06
C PRO A 57 -19.94 14.73 -9.67
N ILE A 58 -19.10 14.92 -8.65
CA ILE A 58 -19.52 14.76 -7.26
C ILE A 58 -20.65 15.72 -6.92
N MET A 59 -20.50 16.98 -7.35
CA MET A 59 -21.51 18.00 -7.08
C MET A 59 -22.88 17.61 -7.60
N LEU A 60 -22.92 17.03 -8.79
CA LEU A 60 -24.17 16.62 -9.40
C LEU A 60 -24.72 15.32 -8.80
N LYS A 61 -23.83 14.41 -8.43
CA LYS A 61 -24.26 13.15 -7.83
C LYS A 61 -24.95 13.43 -6.51
N ALA A 62 -24.42 14.40 -5.77
CA ALA A 62 -24.99 14.79 -4.48
C ALA A 62 -26.41 15.32 -4.70
N GLN A 63 -26.57 16.20 -5.69
CA GLN A 63 -27.87 16.79 -6.03
C GLN A 63 -28.91 15.71 -6.29
N GLN A 64 -28.51 14.66 -7.00
CA GLN A 64 -29.40 13.55 -7.33
C GLN A 64 -29.98 12.96 -6.06
N LEU A 65 -29.13 12.28 -5.31
CA LEU A 65 -29.50 11.62 -4.06
C LEU A 65 -30.16 12.57 -3.06
N GLY A 66 -30.31 13.84 -3.46
CA GLY A 66 -30.93 14.82 -2.59
C GLY A 66 -30.08 15.16 -1.38
N ILE A 67 -28.82 14.76 -1.42
CA ILE A 67 -27.89 15.04 -0.31
C ILE A 67 -26.82 16.04 -0.76
N THR A 68 -26.46 16.95 0.13
CA THR A 68 -25.45 17.94 -0.19
C THR A 68 -24.11 17.22 -0.38
N PRO A 69 -23.23 17.76 -1.26
CA PRO A 69 -21.94 17.11 -1.48
C PRO A 69 -21.20 16.92 -0.14
N GLU A 70 -21.33 17.91 0.75
CA GLU A 70 -20.68 17.83 2.05
C GLU A 70 -21.15 16.58 2.77
N GLN A 71 -22.42 16.23 2.60
CA GLN A 71 -22.97 15.04 3.23
C GLN A 71 -22.50 13.76 2.56
N MET A 72 -22.49 13.75 1.24
CA MET A 72 -22.06 12.56 0.49
C MET A 72 -20.59 12.25 0.72
N ILE A 73 -19.72 13.25 0.61
CA ILE A 73 -18.30 13.01 0.78
C ILE A 73 -17.97 12.61 2.22
N GLY A 74 -18.82 13.05 3.15
CA GLY A 74 -18.60 12.71 4.55
C GLY A 74 -18.90 11.24 4.77
N GLU A 75 -19.96 10.75 4.14
CA GLU A 75 -20.34 9.35 4.27
C GLU A 75 -19.37 8.46 3.52
N MET A 76 -18.94 8.91 2.34
CA MET A 76 -18.00 8.15 1.52
C MET A 76 -16.65 8.04 2.22
N SER A 77 -16.23 9.12 2.87
CA SER A 77 -14.97 9.12 3.58
C SER A 77 -14.96 8.06 4.67
N GLN A 78 -16.06 7.96 5.41
CA GLN A 78 -16.18 6.97 6.48
C GLN A 78 -16.20 5.55 5.92
N GLU A 79 -16.92 5.34 4.83
CA GLU A 79 -17.01 4.03 4.20
C GLU A 79 -15.62 3.60 3.71
N HIS A 80 -14.92 4.51 3.03
CA HIS A 80 -13.59 4.21 2.51
C HIS A 80 -12.61 3.85 3.64
N GLN A 81 -12.60 4.65 4.70
CA GLN A 81 -11.69 4.38 5.80
C GLN A 81 -12.02 3.08 6.53
N THR A 82 -13.30 2.73 6.60
CA THR A 82 -13.67 1.49 7.26
C THR A 82 -13.11 0.30 6.49
N ASP A 83 -13.15 0.40 5.15
CA ASP A 83 -12.62 -0.68 4.31
C ASP A 83 -11.11 -0.77 4.40
N PHE A 84 -10.44 0.36 4.33
CA PHE A 84 -8.98 0.34 4.41
C PHE A 84 -8.54 -0.21 5.77
N ALA A 85 -9.23 0.19 6.83
CA ALA A 85 -8.90 -0.30 8.18
C ALA A 85 -9.12 -1.81 8.22
N GLY A 86 -10.10 -2.28 7.47
CA GLY A 86 -10.39 -3.71 7.41
C GLY A 86 -9.29 -4.53 6.76
N PHE A 87 -8.50 -3.89 5.90
CA PHE A 87 -7.39 -4.57 5.24
C PHE A 87 -6.08 -4.22 5.95
N ASN A 88 -6.21 -3.52 7.07
CA ASN A 88 -5.08 -3.14 7.88
C ASN A 88 -4.06 -2.26 7.14
N ILE A 89 -4.55 -1.27 6.42
CA ILE A 89 -3.67 -0.34 5.71
C ILE A 89 -3.31 0.66 6.80
N SER A 90 -2.04 0.64 7.20
CA SER A 90 -1.53 1.44 8.31
C SER A 90 -1.26 2.93 8.13
N TYR A 91 -2.21 3.68 7.60
CA TYR A 91 -1.99 5.12 7.41
C TYR A 91 -1.75 5.82 8.73
N ASP A 92 -0.91 6.85 8.70
CA ASP A 92 -0.64 7.66 9.86
C ASP A 92 -1.68 8.76 9.84
N ASN A 93 -2.28 9.00 8.66
CA ASN A 93 -3.32 10.00 8.51
C ASN A 93 -4.10 9.81 7.22
N TYR A 94 -5.42 9.92 7.32
CA TYR A 94 -6.30 9.82 6.16
C TYR A 94 -7.15 11.07 6.29
N HIS A 95 -6.96 12.03 5.39
CA HIS A 95 -7.65 13.31 5.43
C HIS A 95 -8.64 13.50 4.26
N SER A 96 -8.71 14.72 3.73
CA SER A 96 -9.62 15.03 2.63
C SER A 96 -9.10 16.21 1.82
N THR A 97 -9.36 16.22 0.52
CA THR A 97 -8.92 17.35 -0.32
C THR A 97 -9.84 18.54 -0.01
N HIS A 98 -10.97 18.25 0.62
CA HIS A 98 -11.93 19.30 1.00
C HIS A 98 -11.67 19.58 2.47
N SER A 99 -10.64 20.37 2.72
CA SER A 99 -10.24 20.71 4.06
C SER A 99 -9.65 22.10 4.08
N GLU A 100 -9.51 22.68 5.28
CA GLU A 100 -8.95 24.00 5.38
C GLU A 100 -7.45 23.94 5.07
N GLU A 101 -6.81 22.83 5.46
CA GLU A 101 -5.38 22.66 5.18
C GLU A 101 -5.13 22.69 3.68
N ASN A 102 -5.95 21.98 2.92
CA ASN A 102 -5.77 21.93 1.47
C ASN A 102 -6.18 23.26 0.82
N ARG A 103 -7.18 23.92 1.38
CA ARG A 103 -7.60 25.21 0.83
C ARG A 103 -6.45 26.20 0.94
N GLN A 104 -5.86 26.29 2.14
CA GLN A 104 -4.75 27.21 2.38
C GLN A 104 -3.51 26.89 1.54
N LEU A 105 -3.18 25.61 1.42
CA LEU A 105 -2.02 25.21 0.62
C LEU A 105 -2.25 25.41 -0.88
N SER A 106 -3.49 25.23 -1.33
CA SER A 106 -3.78 25.42 -2.74
C SER A 106 -3.61 26.90 -3.09
N GLU A 107 -4.08 27.76 -2.19
CA GLU A 107 -3.98 29.20 -2.39
C GLU A 107 -2.52 29.63 -2.29
N LEU A 108 -1.79 29.04 -1.35
CA LEU A 108 -0.38 29.37 -1.16
C LEU A 108 0.44 29.05 -2.40
N ILE A 109 0.22 27.87 -2.96
CA ILE A 109 0.94 27.43 -4.16
C ILE A 109 0.53 28.25 -5.38
N TYR A 110 -0.77 28.47 -5.54
CA TYR A 110 -1.26 29.27 -6.65
C TYR A 110 -0.69 30.69 -6.60
N SER A 111 -0.67 31.28 -5.41
CA SER A 111 -0.16 32.64 -5.26
C SER A 111 1.34 32.72 -5.55
N ARG A 112 2.07 31.66 -5.19
CA ARG A 112 3.50 31.65 -5.44
C ARG A 112 3.73 31.45 -6.93
N LEU A 113 2.88 30.65 -7.56
CA LEU A 113 3.00 30.41 -9.00
C LEU A 113 2.71 31.70 -9.76
N LYS A 114 1.56 32.31 -9.49
CA LYS A 114 1.16 33.54 -10.14
C LYS A 114 2.22 34.63 -9.99
N GLU A 115 2.70 34.81 -8.77
CA GLU A 115 3.72 35.81 -8.49
C GLU A 115 5.02 35.48 -9.20
N ASN A 116 5.33 34.20 -9.33
CA ASN A 116 6.54 33.75 -10.01
C ASN A 116 6.38 33.76 -11.52
N GLY A 117 5.21 34.19 -11.98
CA GLY A 117 4.94 34.27 -13.41
C GLY A 117 4.62 32.99 -14.15
N PHE A 118 4.10 31.99 -13.46
CA PHE A 118 3.78 30.72 -14.12
C PHE A 118 2.28 30.54 -14.37
N ILE A 119 1.48 31.57 -14.05
CA ILE A 119 0.04 31.50 -14.28
C ILE A 119 -0.35 32.48 -15.38
N LYS A 120 -1.15 32.01 -16.35
CA LYS A 120 -1.60 32.84 -17.46
C LYS A 120 -3.11 32.88 -17.59
N ASN A 121 -3.63 33.92 -18.21
CA ASN A 121 -5.08 34.06 -18.39
C ASN A 121 -5.47 33.92 -19.86
N ARG A 122 -6.74 33.59 -20.10
CA ARG A 122 -7.23 33.42 -21.46
C ARG A 122 -8.75 33.23 -21.46
N THR A 123 -9.34 33.17 -22.64
CA THR A 123 -10.78 33.00 -22.79
C THR A 123 -11.08 31.81 -23.71
N ILE A 124 -12.26 31.22 -23.57
CA ILE A 124 -12.63 30.08 -24.40
C ILE A 124 -14.13 29.99 -24.63
N SER A 125 -14.54 29.05 -25.48
CA SER A 125 -15.95 28.82 -25.79
C SER A 125 -16.31 27.40 -25.35
N GLN A 126 -17.51 27.22 -24.81
CA GLN A 126 -17.92 25.91 -24.35
C GLN A 126 -19.44 25.77 -24.22
N LEU A 127 -19.94 24.54 -24.35
CA LEU A 127 -21.36 24.26 -24.24
C LEU A 127 -21.87 24.76 -22.88
N TYR A 128 -23.01 25.44 -22.89
CA TYR A 128 -23.58 25.98 -21.66
C TYR A 128 -25.08 25.74 -21.56
N ASP A 129 -25.51 25.16 -20.44
CA ASP A 129 -26.92 24.89 -20.22
C ASP A 129 -27.57 26.13 -19.59
N ARG A 185 -20.56 29.47 -25.24
CA ARG A 185 -20.47 30.58 -24.30
C ARG A 185 -19.00 30.77 -23.88
N ASP A 186 -18.57 32.02 -23.77
CA ASP A 186 -17.19 32.30 -23.38
C ASP A 186 -16.98 32.38 -21.87
N SER A 187 -15.74 32.62 -21.47
CA SER A 187 -15.35 32.73 -20.06
C SER A 187 -13.84 32.78 -19.92
N GLU A 188 -13.36 33.53 -18.93
CA GLU A 188 -11.93 33.64 -18.71
C GLU A 188 -11.46 32.40 -17.95
N HIS A 189 -10.22 32.00 -18.22
CA HIS A 189 -9.63 30.83 -17.58
C HIS A 189 -8.17 31.08 -17.22
N PHE A 190 -7.69 30.36 -16.20
CA PHE A 190 -6.32 30.50 -15.77
C PHE A 190 -5.53 29.23 -16.13
N PHE A 191 -4.33 29.42 -16.69
CA PHE A 191 -3.50 28.30 -17.12
C PHE A 191 -2.15 28.23 -16.41
N PHE A 192 -1.68 27.01 -16.21
CA PHE A 192 -0.38 26.81 -15.60
C PHE A 192 0.62 26.66 -16.74
N ASP A 193 1.71 27.40 -16.67
CA ASP A 193 2.74 27.40 -17.70
C ASP A 193 3.72 26.23 -17.58
N LEU A 194 3.21 25.02 -17.81
CA LEU A 194 3.99 23.80 -17.73
C LEU A 194 5.26 23.82 -18.59
N PRO A 195 5.14 24.21 -19.87
CA PRO A 195 6.29 24.26 -20.79
C PRO A 195 7.58 24.89 -20.26
N SER A 196 7.46 25.78 -19.27
CA SER A 196 8.63 26.44 -18.71
C SER A 196 9.46 25.58 -17.76
N PHE A 197 8.97 24.39 -17.45
CA PHE A 197 9.69 23.49 -16.55
C PHE A 197 10.26 22.27 -17.25
N SER A 198 10.02 22.17 -18.55
CA SER A 198 10.49 21.04 -19.36
C SER A 198 11.92 20.61 -19.03
N GLU A 199 12.90 21.44 -19.34
CA GLU A 199 14.29 21.10 -19.08
C GLU A 199 14.50 20.59 -17.65
N MET A 200 13.89 21.25 -16.69
CA MET A 200 14.01 20.84 -15.28
C MET A 200 13.43 19.44 -15.11
N LEU A 201 12.30 19.19 -15.77
CA LEU A 201 11.64 17.89 -15.71
C LEU A 201 12.56 16.84 -16.36
N GLN A 202 13.21 17.24 -17.44
CA GLN A 202 14.12 16.35 -18.15
C GLN A 202 15.22 15.87 -17.21
N ALA A 203 15.97 16.81 -16.65
CA ALA A 203 17.05 16.50 -15.71
C ALA A 203 16.56 15.62 -14.55
N TRP A 204 15.40 15.98 -14.00
CA TRP A 204 14.79 15.24 -12.89
C TRP A 204 14.42 13.83 -13.34
N THR A 205 13.74 13.74 -14.49
CA THR A 205 13.31 12.47 -15.06
C THR A 205 14.47 11.49 -15.28
N ARG A 206 15.57 11.98 -15.81
CA ARG A 206 16.71 11.13 -16.10
C ARG A 206 17.68 11.04 -14.93
N SER A 207 17.29 11.25 -13.69
CA SER A 207 18.37 11.20 -12.70
C SER A 207 18.27 9.84 -11.91
N GLY A 208 18.30 8.82 -12.79
CA GLY A 208 18.26 7.39 -12.47
C GLY A 208 17.29 7.25 -11.34
N ALA A 209 15.99 7.39 -11.62
CA ALA A 209 15.07 7.27 -10.52
C ALA A 209 13.74 6.62 -10.84
N LEU A 210 13.01 7.18 -11.79
CA LEU A 210 11.70 6.63 -12.17
C LEU A 210 11.84 5.27 -12.78
N GLN A 211 10.72 4.56 -12.90
CA GLN A 211 10.70 3.23 -13.50
C GLN A 211 10.97 3.36 -15.00
N GLU A 212 11.72 2.42 -15.55
CA GLU A 212 12.06 2.42 -16.96
C GLU A 212 10.84 2.66 -17.86
N GLN A 213 9.79 1.88 -17.65
CA GLN A 213 8.58 1.98 -18.44
C GLN A 213 7.93 3.36 -18.31
N VAL A 214 8.20 4.03 -17.20
CA VAL A 214 7.65 5.36 -16.95
C VAL A 214 8.59 6.41 -17.54
N ALA A 215 9.89 6.20 -17.36
CA ALA A 215 10.89 7.12 -17.89
C ALA A 215 10.66 7.23 -19.39
N ASN A 216 10.23 6.13 -19.99
CA ASN A 216 9.95 6.10 -21.42
C ASN A 216 8.64 6.82 -21.67
N LYS A 217 7.54 6.07 -21.58
CA LYS A 217 6.17 6.54 -21.77
C LYS A 217 6.03 8.05 -21.95
N MET A 218 6.60 8.80 -21.02
CA MET A 218 6.53 10.25 -21.07
C MET A 218 6.97 10.77 -22.44
N GLN A 219 7.85 10.02 -23.12
CA GLN A 219 8.32 10.41 -24.44
C GLN A 219 7.13 10.61 -25.38
N GLU A 220 6.25 9.62 -25.43
CA GLU A 220 5.06 9.71 -26.28
C GLU A 220 4.29 10.99 -26.00
N TRP A 221 4.44 11.50 -24.78
CA TRP A 221 3.78 12.74 -24.38
C TRP A 221 4.59 13.94 -24.87
N PHE A 222 5.92 13.80 -24.86
CA PHE A 222 6.81 14.86 -25.34
C PHE A 222 6.66 14.98 -26.86
N GLU A 223 6.34 13.85 -27.49
CA GLU A 223 6.16 13.80 -28.94
C GLU A 223 4.96 14.68 -29.30
N SER A 224 4.25 15.11 -28.27
CA SER A 224 3.08 15.97 -28.43
C SER A 224 3.36 17.33 -27.79
N GLY A 225 4.54 17.47 -27.20
CA GLY A 225 4.92 18.72 -26.56
C GLY A 225 4.08 19.10 -25.36
N LEU A 226 4.71 19.68 -24.35
CA LEU A 226 4.02 20.11 -23.14
C LEU A 226 3.20 21.36 -23.43
N GLN A 227 2.00 21.43 -22.87
CA GLN A 227 1.12 22.58 -23.08
C GLN A 227 0.71 23.23 -21.76
N GLN A 228 0.21 24.45 -21.83
CA GLN A 228 -0.26 25.15 -20.64
C GLN A 228 -1.50 24.39 -20.19
N TRP A 229 -1.67 24.25 -18.89
CA TRP A 229 -2.79 23.49 -18.33
C TRP A 229 -3.88 24.38 -17.70
N ASP A 230 -5.12 24.14 -18.12
CA ASP A 230 -6.28 24.89 -17.61
C ASP A 230 -6.62 24.44 -16.20
N ILE A 231 -6.24 25.23 -15.20
CA ILE A 231 -6.49 24.89 -13.81
C ILE A 231 -7.68 25.61 -13.17
N SER A 232 -8.56 26.20 -13.98
CA SER A 232 -9.72 26.91 -13.45
C SER A 232 -11.03 26.41 -14.03
N ARG A 233 -12.09 26.55 -13.26
CA ARG A 233 -13.43 26.13 -13.69
C ARG A 233 -14.45 27.14 -13.17
N ASP A 234 -15.58 27.26 -13.85
CA ASP A 234 -16.61 28.22 -13.45
C ASP A 234 -17.69 27.64 -12.56
N ALA A 235 -18.29 28.50 -11.74
CA ALA A 235 -19.37 28.10 -10.86
C ALA A 235 -20.55 27.73 -11.75
N PRO A 236 -21.44 26.84 -11.28
CA PRO A 236 -21.41 26.16 -9.98
C PRO A 236 -20.41 25.01 -10.00
N TYR A 237 -19.58 24.93 -8.97
CA TYR A 237 -18.59 23.87 -8.90
C TYR A 237 -18.25 23.58 -7.44
N PHE A 238 -18.04 22.31 -7.13
CA PHE A 238 -17.70 21.94 -5.77
C PHE A 238 -16.19 21.90 -5.68
N GLY A 239 -15.61 22.96 -5.13
CA GLY A 239 -14.17 23.04 -4.99
C GLY A 239 -13.75 24.33 -4.29
N PHE A 240 -12.50 24.72 -4.48
CA PHE A 240 -11.96 25.93 -3.87
C PHE A 240 -12.05 27.11 -4.81
N GLU A 241 -12.49 28.25 -4.28
CA GLU A 241 -12.61 29.47 -5.06
C GLU A 241 -11.24 30.08 -5.29
N ILE A 242 -11.00 30.59 -6.48
CA ILE A 242 -9.71 31.20 -6.81
C ILE A 242 -9.64 32.62 -6.24
N PRO A 243 -8.63 32.90 -5.40
CA PRO A 243 -8.46 34.22 -4.79
C PRO A 243 -8.30 35.33 -5.83
N ASN A 244 -8.98 36.45 -5.60
CA ASN A 244 -8.91 37.60 -6.50
C ASN A 244 -9.60 37.33 -7.84
N ALA A 245 -10.41 36.26 -7.90
CA ALA A 245 -11.11 35.91 -9.13
C ALA A 245 -12.50 35.36 -8.86
N PRO A 246 -13.48 36.24 -8.56
CA PRO A 246 -14.87 35.87 -8.28
C PRO A 246 -15.51 34.94 -9.30
N GLY A 247 -16.23 33.94 -8.81
CA GLY A 247 -16.89 32.99 -9.69
C GLY A 247 -16.01 31.93 -10.32
N LYS A 248 -14.72 31.95 -10.01
CA LYS A 248 -13.77 30.98 -10.56
C LYS A 248 -13.28 30.00 -9.49
N TYR A 249 -13.24 28.72 -9.85
CA TYR A 249 -12.79 27.67 -8.93
C TYR A 249 -11.59 26.90 -9.47
N PHE A 250 -10.79 26.35 -8.57
CA PHE A 250 -9.63 25.55 -8.97
C PHE A 250 -10.14 24.22 -9.48
N TYR A 251 -9.65 23.79 -10.63
CA TYR A 251 -10.03 22.50 -11.20
C TYR A 251 -9.57 21.44 -10.19
N VAL A 252 -10.41 20.44 -9.95
CA VAL A 252 -10.09 19.39 -8.99
C VAL A 252 -8.66 18.83 -9.07
N TRP A 253 -8.19 18.54 -10.28
CA TRP A 253 -6.86 17.98 -10.44
C TRP A 253 -5.72 18.89 -9.99
N LEU A 254 -6.02 20.16 -9.79
CA LEU A 254 -5.02 21.11 -9.34
C LEU A 254 -4.85 20.97 -7.82
N ASP A 255 -5.97 20.90 -7.11
CA ASP A 255 -5.95 20.79 -5.66
C ASP A 255 -5.78 19.36 -5.14
N ALA A 256 -6.12 18.36 -5.97
CA ALA A 256 -6.01 16.95 -5.56
C ALA A 256 -4.62 16.58 -5.05
N PRO A 257 -3.57 16.74 -5.88
CA PRO A 257 -2.23 16.38 -5.38
C PRO A 257 -1.81 17.28 -4.21
N ILE A 258 -2.32 18.50 -4.17
CA ILE A 258 -1.97 19.38 -3.05
C ILE A 258 -2.55 18.73 -1.80
N GLY A 259 -3.53 17.86 -1.99
CA GLY A 259 -4.15 17.13 -0.89
C GLY A 259 -3.14 16.26 -0.14
N TYR A 260 -2.06 15.87 -0.82
CA TYR A 260 -1.01 15.08 -0.18
C TYR A 260 -0.40 15.98 0.90
N MET A 261 -0.13 17.22 0.50
CA MET A 261 0.45 18.20 1.41
C MET A 261 -0.57 18.58 2.49
N GLY A 262 -1.83 18.76 2.10
CA GLY A 262 -2.84 19.10 3.07
C GLY A 262 -2.99 18.04 4.14
N SER A 263 -2.91 16.77 3.73
CA SER A 263 -3.03 15.66 4.66
C SER A 263 -1.87 15.59 5.64
N PHE A 264 -0.66 15.87 5.17
CA PHE A 264 0.49 15.84 6.07
C PHE A 264 0.45 17.02 7.04
N LYS A 265 0.04 18.19 6.56
CA LYS A 265 -0.07 19.38 7.42
C LYS A 265 -1.05 19.08 8.54
N ASN A 266 -2.15 18.41 8.20
CA ASN A 266 -3.16 18.04 9.18
C ASN A 266 -2.54 17.14 10.23
N LEU A 267 -1.75 16.17 9.79
CA LEU A 267 -1.09 15.25 10.71
C LEU A 267 -0.13 16.00 11.63
N CYS A 268 0.69 16.88 11.06
CA CYS A 268 1.63 17.66 11.84
C CYS A 268 0.89 18.53 12.86
N ASP A 269 -0.14 19.22 12.39
CA ASP A 269 -0.93 20.08 13.26
C ASP A 269 -1.54 19.29 14.42
N LYS A 270 -2.03 18.09 14.14
CA LYS A 270 -2.63 17.26 15.20
C LYS A 270 -1.57 16.76 16.18
N ARG A 271 -0.34 16.61 15.70
CA ARG A 271 0.75 16.16 16.56
C ARG A 271 1.35 17.32 17.33
N GLY A 272 0.96 18.55 16.97
CA GLY A 272 1.51 19.71 17.63
C GLY A 272 2.94 19.88 17.16
N ASP A 273 3.23 19.32 15.98
CA ASP A 273 4.54 19.35 15.35
C ASP A 273 4.63 20.55 14.40
N SER A 274 5.40 21.56 14.77
CA SER A 274 5.52 22.76 13.95
C SER A 274 6.75 22.81 13.05
N VAL A 275 7.52 21.73 13.01
CA VAL A 275 8.72 21.72 12.19
C VAL A 275 8.73 20.71 11.04
N SER A 276 8.12 19.56 11.26
CA SER A 276 8.12 18.52 10.24
C SER A 276 7.60 18.90 8.86
N PHE A 277 6.51 19.65 8.78
CA PHE A 277 5.99 19.99 7.47
C PHE A 277 7.08 20.57 6.58
N ASP A 278 7.73 21.63 7.06
CA ASP A 278 8.79 22.27 6.29
C ASP A 278 9.98 21.35 6.04
N GLU A 279 10.32 20.51 7.02
CA GLU A 279 11.45 19.59 6.84
C GLU A 279 11.20 18.63 5.68
N TYR A 280 9.94 18.24 5.49
CA TYR A 280 9.58 17.33 4.43
C TYR A 280 9.29 17.97 3.08
N TRP A 281 8.78 19.19 3.09
CA TRP A 281 8.42 19.83 1.83
C TRP A 281 9.29 20.99 1.34
N LYS A 282 10.18 21.51 2.18
CA LYS A 282 11.05 22.60 1.74
C LYS A 282 11.92 22.08 0.59
N LYS A 283 12.33 22.98 -0.30
CA LYS A 283 13.14 22.63 -1.46
C LYS A 283 14.43 21.84 -1.16
N ASP A 284 15.09 22.14 -0.05
CA ASP A 284 16.33 21.45 0.29
C ASP A 284 16.12 20.28 1.25
N SER A 285 14.92 19.72 1.28
CA SER A 285 14.61 18.62 2.18
C SER A 285 15.49 17.39 1.95
N THR A 286 15.89 16.75 3.05
CA THR A 286 16.69 15.53 2.95
C THR A 286 15.75 14.34 3.15
N ALA A 287 14.47 14.63 3.38
CA ALA A 287 13.48 13.58 3.56
C ALA A 287 13.07 13.04 2.19
N GLU A 288 12.64 11.79 2.14
CA GLU A 288 12.23 11.19 0.89
C GLU A 288 10.71 11.23 0.72
N LEU A 289 10.25 11.50 -0.49
CA LEU A 289 8.83 11.57 -0.80
C LEU A 289 8.51 10.59 -1.92
N TYR A 290 7.58 9.67 -1.65
CA TYR A 290 7.19 8.66 -2.63
C TYR A 290 5.69 8.60 -2.82
N HIS A 291 5.27 8.45 -4.07
CA HIS A 291 3.85 8.38 -4.42
C HIS A 291 3.54 7.06 -5.11
N PHE A 292 2.64 6.27 -4.53
CA PHE A 292 2.22 5.01 -5.15
C PHE A 292 0.98 5.35 -5.97
N ILE A 293 1.03 5.08 -7.27
CA ILE A 293 -0.10 5.40 -8.15
C ILE A 293 -0.28 4.41 -9.28
N GLY A 294 -1.44 4.49 -9.94
CA GLY A 294 -1.74 3.63 -11.08
C GLY A 294 -1.31 4.33 -12.35
N LYS A 295 -1.14 3.58 -13.43
CA LYS A 295 -0.69 4.18 -14.69
C LYS A 295 -1.65 5.17 -15.37
N ASP A 296 -2.89 5.26 -14.89
CA ASP A 296 -3.85 6.18 -15.50
C ASP A 296 -3.73 7.61 -14.99
N ILE A 297 -2.87 7.84 -14.01
CA ILE A 297 -2.67 9.19 -13.47
C ILE A 297 -1.21 9.58 -13.39
N VAL A 298 -0.37 8.93 -14.21
CA VAL A 298 1.05 9.23 -14.22
C VAL A 298 1.35 10.63 -14.76
N TYR A 299 0.55 11.10 -15.72
CA TYR A 299 0.78 12.42 -16.30
C TYR A 299 0.73 13.51 -15.24
N PHE A 300 -0.31 13.48 -14.41
CA PHE A 300 -0.49 14.47 -13.36
C PHE A 300 0.65 14.45 -12.34
N HIS A 301 1.11 13.25 -12.00
CA HIS A 301 2.16 13.08 -11.01
C HIS A 301 3.59 13.26 -11.51
N SER A 302 3.84 13.03 -12.80
CA SER A 302 5.20 13.14 -13.33
C SER A 302 5.49 14.47 -14.05
N LEU A 303 4.43 15.18 -14.43
CA LEU A 303 4.60 16.45 -15.12
C LEU A 303 4.01 17.64 -14.36
N PHE A 304 2.68 17.77 -14.35
CA PHE A 304 2.05 18.90 -13.65
C PHE A 304 2.55 19.05 -12.21
N TRP A 305 2.40 17.98 -11.43
CA TRP A 305 2.78 17.97 -10.01
C TRP A 305 4.21 18.43 -9.71
N PRO A 306 5.24 17.82 -10.34
CA PRO A 306 6.61 18.26 -10.05
C PRO A 306 6.80 19.74 -10.41
N ALA A 307 6.21 20.13 -11.53
CA ALA A 307 6.28 21.51 -12.01
C ALA A 307 5.66 22.49 -11.00
N MET A 308 4.46 22.15 -10.51
CA MET A 308 3.77 22.99 -9.55
C MET A 308 4.62 23.21 -8.30
N LEU A 309 5.26 22.13 -7.83
CA LEU A 309 6.12 22.19 -6.66
C LEU A 309 7.37 23.03 -6.94
N GLU A 310 8.00 22.78 -8.08
CA GLU A 310 9.20 23.52 -8.44
C GLU A 310 8.92 25.03 -8.42
N GLY A 311 7.88 25.43 -9.14
CA GLY A 311 7.50 26.83 -9.22
C GLY A 311 7.00 27.50 -7.96
N SER A 312 6.72 26.71 -6.91
CA SER A 312 6.23 27.29 -5.65
C SER A 312 7.24 27.13 -4.53
N ASN A 313 8.48 26.83 -4.90
CA ASN A 313 9.58 26.67 -3.95
C ASN A 313 9.43 25.49 -3.00
N PHE A 314 8.89 24.40 -3.51
CA PHE A 314 8.72 23.17 -2.72
C PHE A 314 9.50 22.05 -3.41
N ARG A 315 9.85 21.01 -2.64
CA ARG A 315 10.59 19.88 -3.21
C ARG A 315 9.69 19.05 -4.11
N LYS A 316 10.32 18.29 -5.00
CA LYS A 316 9.59 17.42 -5.92
C LYS A 316 9.64 16.00 -5.36
N PRO A 317 8.80 15.10 -5.88
CA PRO A 317 8.82 13.72 -5.37
C PRO A 317 10.16 13.05 -5.59
N SER A 318 10.60 12.24 -4.63
CA SER A 318 11.86 11.51 -4.75
C SER A 318 11.65 10.44 -5.82
N ASN A 319 10.44 9.90 -5.86
CA ASN A 319 10.14 8.89 -6.83
C ASN A 319 8.65 8.62 -6.94
N LEU A 320 8.27 8.03 -8.07
CA LEU A 320 6.89 7.64 -8.33
C LEU A 320 6.94 6.12 -8.51
N PHE A 321 6.09 5.42 -7.77
CA PHE A 321 6.01 3.95 -7.86
C PHE A 321 4.68 3.65 -8.54
N VAL A 322 4.74 3.30 -9.82
CA VAL A 322 3.54 3.02 -10.61
C VAL A 322 3.29 1.52 -10.72
N HIS A 323 2.03 1.12 -10.54
CA HIS A 323 1.63 -0.28 -10.63
C HIS A 323 0.61 -0.42 -11.75
N GLY A 324 0.35 -1.67 -12.16
CA GLY A 324 -0.61 -1.92 -13.21
C GLY A 324 -2.01 -2.14 -12.67
N TYR A 325 -2.92 -2.56 -13.55
CA TYR A 325 -4.30 -2.80 -13.15
C TYR A 325 -4.57 -4.22 -12.69
N VAL A 326 -5.56 -4.37 -11.83
CA VAL A 326 -5.93 -5.68 -11.37
C VAL A 326 -6.98 -6.23 -12.32
N THR A 327 -6.83 -7.49 -12.72
CA THR A 327 -7.81 -8.14 -13.57
C THR A 327 -8.26 -9.32 -12.71
N VAL A 328 -9.44 -9.86 -12.99
CA VAL A 328 -9.91 -11.00 -12.24
C VAL A 328 -10.19 -12.09 -13.27
N ASN A 329 -9.61 -13.27 -13.02
CA ASN A 329 -9.75 -14.39 -13.95
C ASN A 329 -9.29 -14.00 -15.36
N GLY A 330 -8.27 -13.14 -15.42
CA GLY A 330 -7.70 -12.73 -16.69
C GLY A 330 -8.35 -11.59 -17.45
N ALA A 331 -9.48 -11.08 -16.94
CA ALA A 331 -10.15 -10.00 -17.63
C ALA A 331 -10.45 -8.85 -16.70
N LYS A 332 -10.78 -7.70 -17.29
CA LYS A 332 -11.16 -6.52 -16.53
C LYS A 332 -12.34 -6.96 -15.65
N MET A 333 -12.50 -6.34 -14.47
CA MET A 333 -13.61 -6.71 -13.60
C MET A 333 -14.94 -6.56 -14.34
N SER A 334 -15.85 -7.50 -14.11
CA SER A 334 -17.15 -7.50 -14.77
C SER A 334 -18.30 -7.65 -13.79
N LYS A 335 -19.19 -6.66 -13.76
CA LYS A 335 -20.32 -6.69 -12.84
C LYS A 335 -21.25 -7.85 -13.12
N SER A 336 -21.56 -8.09 -14.39
CA SER A 336 -22.46 -9.18 -14.75
C SER A 336 -21.90 -10.53 -14.35
N ARG A 337 -20.57 -10.65 -14.34
CA ARG A 337 -19.92 -11.92 -13.98
C ARG A 337 -19.61 -12.00 -12.48
N GLY A 338 -19.82 -10.90 -11.76
CA GLY A 338 -19.55 -10.91 -10.34
C GLY A 338 -18.07 -10.83 -10.01
N THR A 339 -17.28 -10.27 -10.93
CA THR A 339 -15.85 -10.13 -10.68
C THR A 339 -15.47 -8.68 -10.38
N PHE A 340 -16.48 -7.82 -10.30
CA PHE A 340 -16.25 -6.43 -9.90
C PHE A 340 -16.52 -6.55 -8.40
N ILE A 341 -15.44 -6.75 -7.64
CA ILE A 341 -15.54 -6.99 -6.22
C ILE A 341 -15.18 -5.82 -5.30
N LYS A 342 -16.13 -5.46 -4.44
CA LYS A 342 -15.91 -4.36 -3.48
C LYS A 342 -15.06 -4.86 -2.33
N ALA A 343 -14.29 -3.95 -1.72
CA ALA A 343 -13.45 -4.31 -0.59
C ALA A 343 -14.33 -4.81 0.57
N SER A 344 -15.44 -4.13 0.81
CA SER A 344 -16.35 -4.53 1.88
C SER A 344 -16.88 -5.95 1.63
N THR A 345 -17.22 -6.25 0.39
CA THR A 345 -17.74 -7.57 0.06
C THR A 345 -16.69 -8.65 0.26
N TRP A 346 -15.47 -8.37 -0.19
CA TRP A 346 -14.40 -9.34 -0.02
C TRP A 346 -14.29 -9.79 1.44
N LEU A 347 -14.31 -8.81 2.34
CA LEU A 347 -14.16 -9.11 3.75
C LEU A 347 -15.29 -9.93 4.38
N ASN A 348 -16.44 -9.98 3.72
CA ASN A 348 -17.57 -10.77 4.23
C ASN A 348 -17.28 -12.25 4.00
N HIS A 349 -16.40 -12.51 3.04
CA HIS A 349 -16.06 -13.89 2.66
C HIS A 349 -14.66 -14.38 3.03
N PHE A 350 -13.67 -13.52 2.89
CA PHE A 350 -12.29 -13.90 3.20
C PHE A 350 -11.67 -12.89 4.14
N ASP A 351 -10.51 -13.21 4.70
CA ASP A 351 -9.84 -12.24 5.58
C ASP A 351 -8.99 -11.34 4.70
N ALA A 352 -8.34 -10.35 5.30
CA ALA A 352 -7.51 -9.43 4.53
C ALA A 352 -6.16 -10.06 4.15
N ASP A 353 -5.58 -10.82 5.08
CA ASP A 353 -4.28 -11.46 4.84
C ASP A 353 -4.22 -12.29 3.57
N SER A 354 -5.30 -12.99 3.26
CA SER A 354 -5.31 -13.84 2.06
C SER A 354 -5.09 -13.04 0.78
N LEU A 355 -5.80 -11.93 0.61
CA LEU A 355 -5.63 -11.10 -0.58
C LEU A 355 -4.27 -10.39 -0.53
N ARG A 356 -3.87 -9.95 0.66
CA ARG A 356 -2.58 -9.28 0.79
C ARG A 356 -1.49 -10.23 0.32
N TYR A 357 -1.53 -11.48 0.76
CA TYR A 357 -0.55 -12.46 0.37
C TYR A 357 -0.56 -12.71 -1.13
N TYR A 358 -1.75 -12.96 -1.68
CA TYR A 358 -1.87 -13.25 -3.10
C TYR A 358 -1.33 -12.13 -4.00
N TYR A 359 -1.70 -10.89 -3.71
CA TYR A 359 -1.22 -9.75 -4.49
C TYR A 359 0.30 -9.63 -4.37
N THR A 360 0.80 -9.78 -3.15
CA THR A 360 2.23 -9.65 -2.90
C THR A 360 3.06 -10.71 -3.65
N ALA A 361 2.54 -11.93 -3.72
CA ALA A 361 3.24 -13.01 -4.41
C ALA A 361 3.37 -12.72 -5.91
N LYS A 362 2.50 -11.86 -6.42
CA LYS A 362 2.53 -11.53 -7.85
C LYS A 362 3.09 -10.16 -8.19
N LEU A 363 3.24 -9.29 -7.21
CA LEU A 363 3.75 -7.94 -7.46
C LEU A 363 5.24 -7.87 -7.75
N SER A 364 5.64 -6.85 -8.51
CA SER A 364 7.05 -6.63 -8.86
C SER A 364 7.27 -5.12 -9.02
N SER A 365 8.47 -4.74 -9.44
CA SER A 365 8.81 -3.33 -9.63
C SER A 365 8.32 -2.77 -10.96
N ARG A 366 7.67 -3.60 -11.77
CA ARG A 366 7.17 -3.18 -13.08
C ARG A 366 5.71 -2.72 -13.06
N ILE A 367 5.26 -2.13 -14.17
CA ILE A 367 3.88 -1.64 -14.24
C ILE A 367 2.89 -2.64 -14.82
N ASP A 368 3.29 -3.91 -14.86
CA ASP A 368 2.44 -4.98 -15.40
C ASP A 368 1.15 -5.20 -14.61
N ASP A 369 0.10 -5.66 -15.31
CA ASP A 369 -1.18 -5.93 -14.68
C ASP A 369 -1.06 -7.12 -13.75
N ILE A 370 -1.85 -7.11 -12.68
CA ILE A 370 -1.84 -8.19 -11.70
C ILE A 370 -3.16 -8.96 -11.81
N ASP A 371 -3.07 -10.26 -12.07
CA ASP A 371 -4.29 -11.05 -12.20
C ASP A 371 -4.69 -11.83 -10.94
N LEU A 372 -5.93 -11.62 -10.51
CA LEU A 372 -6.47 -12.34 -9.38
C LEU A 372 -7.26 -13.51 -9.95
N ASN A 373 -6.58 -14.63 -10.15
CA ASN A 373 -7.26 -15.81 -10.68
C ASN A 373 -7.88 -16.49 -9.46
N LEU A 374 -9.21 -16.45 -9.39
CA LEU A 374 -9.92 -17.02 -8.25
C LEU A 374 -9.57 -18.48 -7.93
N GLU A 375 -9.46 -19.32 -8.95
CA GLU A 375 -9.11 -20.71 -8.71
C GLU A 375 -7.72 -20.78 -8.08
N ASP A 376 -6.76 -20.08 -8.69
CA ASP A 376 -5.39 -20.06 -8.21
C ASP A 376 -5.29 -19.51 -6.78
N PHE A 377 -6.15 -18.54 -6.46
CA PHE A 377 -6.18 -17.91 -5.15
C PHE A 377 -6.31 -18.94 -4.01
N VAL A 378 -7.33 -19.79 -4.09
CA VAL A 378 -7.54 -20.79 -3.05
C VAL A 378 -6.36 -21.74 -2.94
N GLN A 379 -5.86 -22.20 -4.09
CA GLN A 379 -4.73 -23.11 -4.12
C GLN A 379 -3.46 -22.51 -3.52
N ARG A 380 -3.15 -21.28 -3.91
CA ARG A 380 -1.97 -20.58 -3.42
C ARG A 380 -1.99 -20.35 -1.91
N VAL A 381 -3.11 -19.84 -1.41
CA VAL A 381 -3.25 -19.56 0.01
C VAL A 381 -3.09 -20.82 0.85
N ASN A 382 -3.79 -21.89 0.49
CA ASN A 382 -3.70 -23.13 1.25
C ASN A 382 -2.32 -23.76 1.15
N ALA A 383 -1.74 -23.72 -0.05
CA ALA A 383 -0.43 -24.33 -0.27
C ALA A 383 0.72 -23.62 0.43
N ASP A 384 0.74 -22.30 0.32
CA ASP A 384 1.81 -21.52 0.91
C ASP A 384 1.64 -21.17 2.39
N ILE A 385 0.57 -20.44 2.71
CA ILE A 385 0.33 -20.04 4.08
C ILE A 385 0.01 -21.20 5.02
N VAL A 386 -1.00 -21.99 4.68
CA VAL A 386 -1.39 -23.10 5.53
C VAL A 386 -0.46 -24.31 5.48
N ASN A 387 -0.18 -24.80 4.29
CA ASN A 387 0.67 -25.98 4.13
C ASN A 387 2.17 -25.80 4.26
N LYS A 388 2.69 -24.59 4.06
CA LYS A 388 4.13 -24.41 4.18
C LYS A 388 4.55 -23.66 5.45
N VAL A 389 4.07 -22.44 5.62
CA VAL A 389 4.45 -21.64 6.79
C VAL A 389 3.78 -22.05 8.10
N VAL A 390 2.45 -21.90 8.16
CA VAL A 390 1.71 -22.24 9.36
C VAL A 390 1.92 -23.68 9.78
N ASN A 391 2.05 -24.57 8.80
CA ASN A 391 2.25 -25.98 9.08
C ASN A 391 3.51 -26.20 9.93
N LEU A 392 4.52 -25.40 9.67
CA LEU A 392 5.78 -25.50 10.39
C LEU A 392 5.57 -25.31 11.90
N ALA A 393 4.62 -24.46 12.26
CA ALA A 393 4.32 -24.20 13.67
C ALA A 393 3.42 -25.25 14.31
N SER A 394 2.32 -25.58 13.65
CA SER A 394 1.37 -26.55 14.18
C SER A 394 1.91 -27.97 14.34
N ARG A 395 2.76 -28.41 13.43
CA ARG A 395 3.31 -29.76 13.50
C ARG A 395 4.33 -29.92 14.63
N ASN A 396 4.80 -28.81 15.18
CA ASN A 396 5.82 -28.84 16.23
C ASN A 396 5.35 -28.39 17.61
N ALA A 397 4.40 -27.46 17.64
CA ALA A 397 3.90 -26.91 18.91
C ALA A 397 3.28 -27.93 19.85
N GLY A 398 2.65 -28.96 19.30
CA GLY A 398 2.02 -29.98 20.13
C GLY A 398 2.98 -30.69 21.07
N PHE A 399 4.02 -31.29 20.50
CA PHE A 399 5.02 -31.99 21.28
C PHE A 399 5.64 -31.07 22.33
N ILE A 400 5.83 -29.80 21.97
CA ILE A 400 6.41 -28.83 22.87
C ILE A 400 5.50 -28.48 24.03
N ASN A 401 4.23 -28.20 23.72
CA ASN A 401 3.27 -27.84 24.75
C ASN A 401 2.89 -29.01 25.65
N LYS A 402 2.67 -30.17 25.04
CA LYS A 402 2.26 -31.37 25.78
C LYS A 402 3.38 -32.07 26.54
N ARG A 403 4.50 -32.31 25.86
CA ARG A 403 5.62 -33.01 26.46
C ARG A 403 6.64 -32.14 27.20
N PHE A 404 6.73 -30.87 26.86
CA PHE A 404 7.72 -30.02 27.52
C PHE A 404 7.20 -28.74 28.16
N ASP A 405 5.91 -28.72 28.48
CA ASP A 405 5.29 -27.57 29.10
C ASP A 405 5.52 -26.25 28.37
N GLY A 406 5.55 -26.32 27.05
CA GLY A 406 5.74 -25.13 26.23
C GLY A 406 7.14 -24.55 26.19
N VAL A 407 8.10 -25.19 26.83
CA VAL A 407 9.46 -24.69 26.84
C VAL A 407 10.31 -25.22 25.69
N LEU A 408 10.90 -24.31 24.94
CA LEU A 408 11.76 -24.65 23.81
C LEU A 408 13.15 -25.05 24.30
N ALA A 409 13.88 -25.78 23.48
CA ALA A 409 15.24 -26.24 23.80
C ALA A 409 16.17 -25.06 24.11
N SER A 410 17.28 -25.35 24.76
CA SER A 410 18.24 -24.31 25.13
C SER A 410 19.35 -24.09 24.09
N GLU A 411 19.40 -24.96 23.08
CA GLU A 411 20.38 -24.84 22.00
C GLU A 411 19.68 -25.15 20.68
N LEU A 412 20.22 -24.62 19.60
CA LEU A 412 19.69 -24.86 18.26
C LEU A 412 20.12 -26.26 17.85
N ALA A 413 19.18 -27.06 17.37
CA ALA A 413 19.50 -28.42 16.94
C ALA A 413 20.39 -28.37 15.70
N ASP A 414 19.98 -27.57 14.73
CA ASP A 414 20.74 -27.45 13.49
C ASP A 414 21.12 -26.00 13.22
N PRO A 415 22.23 -25.54 13.83
CA PRO A 415 22.74 -24.17 13.68
C PRO A 415 23.01 -23.75 12.23
N GLN A 416 23.45 -24.69 11.39
CA GLN A 416 23.71 -24.39 9.99
C GLN A 416 22.45 -23.98 9.26
N LEU A 417 21.40 -24.77 9.46
CA LEU A 417 20.12 -24.49 8.82
C LEU A 417 19.59 -23.12 9.25
N TYR A 418 19.66 -22.83 10.55
CA TYR A 418 19.18 -21.54 11.05
C TYR A 418 19.96 -20.40 10.40
N LYS A 419 21.27 -20.58 10.24
CA LYS A 419 22.07 -19.52 9.63
C LYS A 419 21.69 -19.31 8.18
N THR A 420 21.34 -20.39 7.49
CA THR A 420 20.92 -20.29 6.10
C THR A 420 19.70 -19.35 6.05
N PHE A 421 18.85 -19.48 7.05
CA PHE A 421 17.64 -18.67 7.15
C PHE A 421 17.92 -17.21 7.46
N THR A 422 18.75 -16.94 8.47
CA THR A 422 19.06 -15.56 8.81
C THR A 422 19.97 -14.91 7.76
N ASP A 423 20.74 -15.72 7.05
CA ASP A 423 21.62 -15.23 6.00
C ASP A 423 20.80 -14.64 4.87
N ALA A 424 19.58 -15.15 4.69
CA ALA A 424 18.70 -14.69 3.62
C ALA A 424 18.06 -13.33 3.86
N ALA A 425 18.14 -12.82 5.09
CA ALA A 425 17.54 -11.54 5.43
C ALA A 425 17.96 -10.41 4.50
N GLU A 426 19.22 -10.39 4.10
CA GLU A 426 19.73 -9.34 3.22
C GLU A 426 19.02 -9.31 1.87
N VAL A 427 18.96 -10.46 1.20
CA VAL A 427 18.35 -10.53 -0.11
C VAL A 427 16.83 -10.30 -0.04
N ILE A 428 16.20 -10.82 1.00
CA ILE A 428 14.76 -10.66 1.16
C ILE A 428 14.44 -9.20 1.49
N GLY A 429 15.19 -8.60 2.39
CA GLY A 429 14.96 -7.20 2.73
C GLY A 429 15.14 -6.31 1.51
N GLU A 430 16.18 -6.57 0.73
CA GLU A 430 16.42 -5.79 -0.47
C GLU A 430 15.27 -5.97 -1.47
N ALA A 431 14.67 -7.16 -1.47
CA ALA A 431 13.55 -7.43 -2.36
C ALA A 431 12.35 -6.58 -1.94
N TRP A 432 12.06 -6.51 -0.65
CA TRP A 432 10.94 -5.67 -0.17
C TRP A 432 11.25 -4.22 -0.54
N GLU A 433 12.48 -3.80 -0.21
CA GLU A 433 12.91 -2.43 -0.49
C GLU A 433 12.75 -2.01 -1.94
N SER A 434 13.17 -2.88 -2.86
CA SER A 434 13.10 -2.57 -4.29
C SER A 434 11.73 -2.87 -4.89
N ARG A 435 10.78 -3.27 -4.05
CA ARG A 435 9.42 -3.57 -4.50
C ARG A 435 9.28 -4.83 -5.33
N GLU A 436 10.30 -5.69 -5.29
CA GLU A 436 10.27 -6.96 -6.01
C GLU A 436 9.63 -7.97 -5.04
N PHE A 437 8.36 -7.72 -4.73
CA PHE A 437 7.62 -8.56 -3.80
C PHE A 437 7.58 -10.04 -4.18
N GLY A 438 7.34 -10.32 -5.45
CA GLY A 438 7.28 -11.70 -5.89
C GLY A 438 8.58 -12.44 -5.62
N LYS A 439 9.68 -11.72 -5.76
CA LYS A 439 11.00 -12.28 -5.53
C LYS A 439 11.15 -12.58 -4.04
N ALA A 440 10.72 -11.64 -3.21
CA ALA A 440 10.80 -11.83 -1.77
C ALA A 440 10.00 -13.06 -1.36
N VAL A 441 8.77 -13.17 -1.85
CA VAL A 441 7.92 -14.32 -1.50
C VAL A 441 8.52 -15.65 -1.95
N ARG A 442 9.02 -15.72 -3.18
CA ARG A 442 9.62 -16.96 -3.67
C ARG A 442 10.78 -17.37 -2.77
N GLU A 443 11.57 -16.39 -2.36
CA GLU A 443 12.71 -16.64 -1.49
C GLU A 443 12.22 -17.20 -0.16
N ILE A 444 11.18 -16.57 0.39
CA ILE A 444 10.62 -16.99 1.67
C ILE A 444 10.02 -18.40 1.61
N MET A 445 9.30 -18.68 0.53
CA MET A 445 8.68 -19.99 0.36
C MET A 445 9.73 -21.07 0.11
N ALA A 446 10.84 -20.68 -0.50
CA ALA A 446 11.92 -21.63 -0.75
C ALA A 446 12.52 -22.01 0.60
N LEU A 447 12.64 -21.04 1.51
CA LEU A 447 13.19 -21.30 2.83
C LEU A 447 12.21 -22.20 3.58
N ALA A 448 10.92 -21.94 3.39
CA ALA A 448 9.89 -22.74 4.05
C ALA A 448 9.99 -24.19 3.62
N ASP A 449 10.26 -24.42 2.33
CA ASP A 449 10.40 -25.80 1.84
C ASP A 449 11.55 -26.46 2.58
N LEU A 450 12.64 -25.73 2.73
CA LEU A 450 13.80 -26.24 3.45
C LEU A 450 13.42 -26.63 4.87
N ALA A 451 12.66 -25.78 5.54
CA ALA A 451 12.23 -26.05 6.91
C ALA A 451 11.35 -27.29 7.01
N ASN A 452 10.43 -27.44 6.06
CA ASN A 452 9.57 -28.61 6.09
C ASN A 452 10.32 -29.88 5.70
N ARG A 453 11.40 -29.72 4.94
CA ARG A 453 12.22 -30.87 4.55
C ARG A 453 13.00 -31.30 5.80
N TYR A 454 13.54 -30.32 6.51
CA TYR A 454 14.29 -30.60 7.74
C TYR A 454 13.40 -31.39 8.69
N VAL A 455 12.18 -30.90 8.90
CA VAL A 455 11.25 -31.56 9.80
C VAL A 455 10.94 -32.99 9.36
N ASP A 456 10.86 -33.22 8.06
CA ASP A 456 10.60 -34.57 7.55
C ASP A 456 11.80 -35.48 7.77
N GLU A 457 12.99 -35.01 7.43
CA GLU A 457 14.19 -35.81 7.61
C GLU A 457 14.29 -36.25 9.07
N GLN A 458 14.10 -35.29 9.97
CA GLN A 458 14.17 -35.56 11.41
C GLN A 458 13.00 -36.41 11.89
N ALA A 459 11.87 -36.28 11.21
CA ALA A 459 10.66 -37.03 11.57
C ALA A 459 10.43 -37.08 13.07
N PRO A 460 9.75 -36.07 13.62
CA PRO A 460 9.46 -36.01 15.06
C PRO A 460 8.34 -36.95 15.53
N TRP A 461 7.38 -37.21 14.65
CA TRP A 461 6.26 -38.08 14.98
C TRP A 461 6.72 -39.50 15.30
N VAL A 462 7.92 -39.85 14.86
CA VAL A 462 8.46 -41.18 15.11
C VAL A 462 9.43 -41.13 16.30
N VAL A 463 10.18 -40.04 16.39
CA VAL A 463 11.14 -39.86 17.49
C VAL A 463 10.37 -39.74 18.81
N ALA A 464 9.13 -39.26 18.72
CA ALA A 464 8.28 -39.07 19.89
C ALA A 464 7.87 -40.38 20.55
N LYS A 465 7.46 -41.35 19.74
CA LYS A 465 7.01 -42.64 20.27
C LYS A 465 8.16 -43.58 20.66
N GLN A 466 9.39 -43.07 20.61
CA GLN A 466 10.55 -43.88 21.00
C GLN A 466 11.03 -43.42 22.37
N GLU A 467 10.59 -44.13 23.41
CA GLU A 467 10.98 -43.80 24.79
C GLU A 467 12.47 -43.50 24.94
N GLY A 468 12.78 -42.43 25.66
CA GLY A 468 14.18 -42.04 25.86
C GLY A 468 14.69 -41.03 24.85
N ARG A 469 13.82 -40.57 23.96
CA ARG A 469 14.21 -39.60 22.94
C ARG A 469 13.64 -38.19 23.21
N ASP A 470 13.17 -37.95 24.43
CA ASP A 470 12.60 -36.65 24.77
C ASP A 470 13.48 -35.47 24.40
N ALA A 471 14.72 -35.47 24.87
CA ALA A 471 15.65 -34.39 24.56
C ALA A 471 15.75 -34.18 23.06
N ASP A 472 15.81 -35.27 22.31
CA ASP A 472 15.91 -35.20 20.85
C ASP A 472 14.65 -34.58 20.24
N LEU A 473 13.49 -34.97 20.75
CA LEU A 473 12.23 -34.45 20.26
C LEU A 473 12.15 -32.94 20.49
N GLN A 474 12.36 -32.51 21.73
CA GLN A 474 12.31 -31.08 22.07
C GLN A 474 13.24 -30.29 21.16
N ALA A 475 14.45 -30.81 20.94
CA ALA A 475 15.43 -30.15 20.10
C ALA A 475 14.94 -30.02 18.65
N ILE A 476 14.32 -31.06 18.14
CA ILE A 476 13.80 -31.07 16.78
C ILE A 476 12.63 -30.09 16.62
N CYS A 477 11.62 -30.24 17.45
CA CYS A 477 10.43 -29.39 17.39
C CYS A 477 10.69 -27.92 17.68
N SER A 478 11.68 -27.64 18.53
CA SER A 478 12.01 -26.25 18.86
C SER A 478 12.69 -25.65 17.64
N MET A 479 13.48 -26.47 16.97
CA MET A 479 14.19 -26.05 15.77
C MET A 479 13.16 -25.58 14.75
N GLY A 480 12.11 -26.38 14.58
CA GLY A 480 11.06 -26.03 13.64
C GLY A 480 10.33 -24.75 14.01
N ILE A 481 10.16 -24.53 15.31
CA ILE A 481 9.48 -23.34 15.78
C ILE A 481 10.31 -22.09 15.53
N ASN A 482 11.63 -22.21 15.69
CA ASN A 482 12.52 -21.10 15.44
C ASN A 482 12.60 -20.75 13.95
N LEU A 483 12.50 -21.76 13.08
CA LEU A 483 12.51 -21.51 11.63
C LEU A 483 11.22 -20.75 11.29
N PHE A 484 10.14 -21.12 11.96
CA PHE A 484 8.84 -20.48 11.78
C PHE A 484 8.96 -19.00 12.21
N ARG A 485 9.66 -18.78 13.32
CA ARG A 485 9.85 -17.42 13.84
C ARG A 485 10.46 -16.53 12.78
N VAL A 486 11.52 -17.03 12.14
CA VAL A 486 12.20 -16.27 11.10
C VAL A 486 11.29 -16.02 9.89
N LEU A 487 10.60 -17.05 9.42
CA LEU A 487 9.70 -16.91 8.28
C LEU A 487 8.62 -15.87 8.52
N MET A 488 8.00 -15.89 9.70
CA MET A 488 6.95 -14.92 10.01
C MET A 488 7.52 -13.50 10.10
N THR A 489 8.80 -13.39 10.42
CA THR A 489 9.43 -12.08 10.51
C THR A 489 9.54 -11.49 9.09
N TYR A 490 9.91 -12.33 8.13
CA TYR A 490 10.04 -11.86 6.75
C TYR A 490 8.68 -11.57 6.12
N LEU A 491 7.65 -12.26 6.61
CA LEU A 491 6.29 -12.06 6.10
C LEU A 491 5.47 -11.05 6.90
N LYS A 492 6.04 -10.54 7.98
CA LYS A 492 5.35 -9.59 8.84
C LYS A 492 4.78 -8.39 8.09
N PRO A 493 5.51 -7.87 7.09
CA PRO A 493 4.98 -6.72 6.36
C PRO A 493 3.73 -7.09 5.53
N VAL A 494 3.66 -8.37 5.16
CA VAL A 494 2.57 -8.89 4.31
C VAL A 494 1.30 -9.34 5.01
N LEU A 495 1.45 -10.05 6.13
CA LEU A 495 0.31 -10.60 6.86
C LEU A 495 0.22 -10.08 8.29
N PRO A 496 -0.31 -8.88 8.48
CA PRO A 496 -0.45 -8.26 9.80
C PRO A 496 -1.17 -9.05 10.87
N LYS A 497 -2.35 -9.60 10.54
CA LYS A 497 -3.13 -10.35 11.52
C LYS A 497 -2.51 -11.70 11.86
N LEU A 498 -2.12 -12.45 10.83
CA LEU A 498 -1.49 -13.74 11.11
C LEU A 498 -0.24 -13.48 11.95
N THR A 499 0.46 -12.38 11.67
CA THR A 499 1.66 -12.06 12.44
C THR A 499 1.33 -11.84 13.92
N GLU A 500 0.23 -11.14 14.19
CA GLU A 500 -0.17 -10.91 15.58
C GLU A 500 -0.46 -12.25 16.26
N ARG A 501 -1.14 -13.14 15.54
CA ARG A 501 -1.45 -14.45 16.10
C ARG A 501 -0.16 -15.23 16.35
N ALA A 502 0.80 -15.11 15.45
CA ALA A 502 2.07 -15.79 15.62
C ALA A 502 2.84 -15.22 16.82
N GLU A 503 2.80 -13.90 16.98
CA GLU A 503 3.51 -13.27 18.10
C GLU A 503 2.90 -13.65 19.45
N ALA A 504 1.59 -13.87 19.48
CA ALA A 504 0.94 -14.28 20.72
C ALA A 504 1.39 -15.69 21.07
N PHE A 505 1.51 -16.54 20.05
CA PHE A 505 1.95 -17.92 20.24
C PHE A 505 3.41 -17.98 20.69
N LEU A 506 4.24 -17.18 20.05
CA LEU A 506 5.66 -17.16 20.36
C LEU A 506 6.03 -16.34 21.59
N ASN A 507 5.08 -15.59 22.14
CA ASN A 507 5.37 -14.76 23.32
C ASN A 507 6.52 -13.82 22.98
N THR A 508 6.52 -13.32 21.75
CA THR A 508 7.57 -12.42 21.30
C THR A 508 7.08 -11.51 20.18
N GLU A 509 7.56 -10.27 20.19
CA GLU A 509 7.22 -9.36 19.12
C GLU A 509 8.29 -9.66 18.07
N LEU A 510 7.92 -9.68 16.80
CA LEU A 510 8.90 -9.98 15.76
C LEU A 510 9.57 -8.73 15.19
N THR A 511 10.89 -8.64 15.36
CA THR A 511 11.66 -7.51 14.83
C THR A 511 12.61 -8.08 13.79
N TRP A 512 13.03 -7.24 12.84
CA TRP A 512 13.92 -7.69 11.78
C TRP A 512 15.29 -8.17 12.31
N ASP A 513 15.84 -7.46 13.29
CA ASP A 513 17.13 -7.84 13.86
C ASP A 513 17.01 -8.99 14.88
N GLY A 514 15.82 -9.12 15.47
CA GLY A 514 15.58 -10.15 16.45
C GLY A 514 15.84 -11.58 16.03
N ILE A 515 15.76 -11.87 14.73
CA ILE A 515 16.00 -13.23 14.27
C ILE A 515 17.44 -13.67 14.52
N GLN A 516 18.33 -12.72 14.81
CA GLN A 516 19.73 -13.07 15.09
C GLN A 516 19.86 -13.76 16.44
N GLN A 517 18.83 -13.66 17.26
CA GLN A 517 18.78 -14.29 18.58
C GLN A 517 17.60 -15.25 18.63
N PRO A 518 17.83 -16.54 18.34
CA PRO A 518 16.73 -17.52 18.37
C PRO A 518 16.15 -17.67 19.77
N LEU A 519 14.92 -18.16 19.84
CA LEU A 519 14.25 -18.36 21.12
C LEU A 519 14.78 -19.63 21.79
N LEU A 520 15.45 -19.46 22.93
CA LEU A 520 16.05 -20.57 23.67
C LEU A 520 15.57 -20.57 25.12
N GLY A 521 15.26 -21.74 25.67
CA GLY A 521 14.78 -21.86 27.04
C GLY A 521 13.66 -20.84 27.20
N HIS A 522 12.82 -20.80 26.17
CA HIS A 522 11.72 -19.86 26.05
C HIS A 522 10.35 -20.53 26.01
N LYS A 523 9.40 -19.98 26.77
CA LYS A 523 8.05 -20.51 26.87
C LYS A 523 7.09 -20.00 25.78
N VAL A 524 6.52 -20.92 25.01
CA VAL A 524 5.55 -20.55 23.98
C VAL A 524 4.16 -20.86 24.50
N ASN A 525 3.14 -20.25 23.91
CA ASN A 525 1.76 -20.48 24.33
C ASN A 525 1.04 -21.46 23.42
N PRO A 526 0.04 -22.18 23.96
CA PRO A 526 -0.70 -23.12 23.11
C PRO A 526 -1.53 -22.25 22.19
N PHE A 527 -1.65 -22.63 20.92
CA PHE A 527 -2.44 -21.83 20.00
C PHE A 527 -3.57 -22.64 19.37
N LYS A 528 -4.63 -21.94 19.01
CA LYS A 528 -5.78 -22.57 18.38
C LYS A 528 -5.84 -22.15 16.91
N ALA A 529 -5.31 -23.02 16.04
CA ALA A 529 -5.31 -22.76 14.61
C ALA A 529 -4.92 -21.34 14.23
N LEU A 530 -3.74 -21.19 13.64
CA LEU A 530 -3.25 -19.88 13.23
C LEU A 530 -3.88 -19.46 11.91
N TYR A 531 -4.16 -20.42 11.03
CA TYR A 531 -4.75 -20.11 9.75
C TYR A 531 -5.47 -21.31 9.13
N ASN A 532 -6.77 -21.17 8.91
CA ASN A 532 -7.55 -22.27 8.34
C ASN A 532 -7.59 -22.24 6.82
N ARG A 533 -7.62 -23.42 6.21
CA ARG A 533 -7.69 -23.54 4.76
C ARG A 533 -8.97 -22.89 4.26
N ILE A 534 -8.98 -22.50 2.99
CA ILE A 534 -10.17 -21.90 2.40
C ILE A 534 -10.56 -22.81 1.22
N ASP A 535 -11.80 -22.71 0.73
CA ASP A 535 -12.23 -23.57 -0.37
C ASP A 535 -12.96 -22.84 -1.48
N MET A 536 -13.06 -23.49 -2.63
CA MET A 536 -13.71 -22.90 -3.79
C MET A 536 -15.17 -22.51 -3.59
N ARG A 537 -15.84 -23.10 -2.60
CA ARG A 537 -17.23 -22.77 -2.33
C ARG A 537 -17.32 -21.32 -1.82
N GLN A 538 -16.30 -20.87 -1.12
CA GLN A 538 -16.30 -19.50 -0.61
C GLN A 538 -16.11 -18.55 -1.80
N VAL A 539 -15.31 -18.97 -2.77
CA VAL A 539 -15.06 -18.15 -3.95
C VAL A 539 -16.37 -18.03 -4.71
N GLU A 540 -17.05 -19.16 -4.87
CA GLU A 540 -18.33 -19.17 -5.57
C GLU A 540 -19.32 -18.23 -4.88
N ALA A 541 -19.35 -18.26 -3.56
CA ALA A 541 -20.26 -17.41 -2.79
C ALA A 541 -19.91 -15.92 -2.98
N LEU A 542 -18.62 -15.61 -3.00
CA LEU A 542 -18.17 -14.23 -3.19
C LEU A 542 -18.65 -13.72 -4.55
N VAL A 543 -18.44 -14.52 -5.58
CA VAL A 543 -18.83 -14.14 -6.93
C VAL A 543 -20.34 -13.96 -7.01
N GLU A 544 -21.08 -14.92 -6.47
CA GLU A 544 -22.54 -14.82 -6.48
C GLU A 544 -23.01 -13.54 -5.77
N ALA A 545 -22.42 -13.25 -4.61
CA ALA A 545 -22.81 -12.05 -3.88
C ALA A 545 -22.51 -10.79 -4.68
N SER A 546 -21.36 -10.78 -5.36
CA SER A 546 -20.98 -9.61 -6.14
C SER A 546 -21.92 -9.38 -7.33
N LYS A 547 -22.48 -10.46 -7.88
CA LYS A 547 -23.41 -10.33 -8.99
C LYS A 547 -24.68 -9.66 -8.48
N GLU A 548 -25.17 -10.16 -7.35
CA GLU A 548 -26.38 -9.67 -6.71
C GLU A 548 -26.35 -8.19 -6.27
N GLU A 549 -25.16 -7.65 -6.05
CA GLU A 549 -25.03 -6.26 -5.64
C GLU A 549 -25.24 -5.29 -6.80
N VAL A 550 -24.98 -5.78 -8.01
CA VAL A 550 -25.12 -4.98 -9.22
C VAL A 550 -25.19 -5.88 -10.44
#